data_6W9K
#
_entry.id   6W9K
#
_cell.length_a   71.052
_cell.length_b   96.089
_cell.length_c   108.025
_cell.angle_alpha   90.000
_cell.angle_beta   90.000
_cell.angle_gamma   90.000
#
_symmetry.space_group_name_H-M   'C 2 2 21'
#
loop_
_entity.id
_entity.type
_entity.pdbx_description
1 polymer 'Glucocorticoid Receptor'
2 polymer 'Peroxisome proliferator-activated receptor gamma coactivator 1-alpha'
3 non-polymer prednisolone
4 non-polymer GLYCEROL
5 water water
#
loop_
_entity_poly.entity_id
_entity_poly.type
_entity_poly.pdbx_seq_one_letter_code
_entity_poly.pdbx_strand_id
1 'polypeptide(L)'
;APTLISLLEVIEPEVLYSGYDSTLPDTSTRLMSTLNRLGGRQVVSAVKWAKALPGFRNLHLDDQMTLLQYSWMSLMAFSL
GWRSYKQSNGNMLCFAPDLVINEERMQLPYMYDQCQQMLKISSEFVRLQVSYDEYLCMKVLLLLSTVPKDGLKSQAVFDE
IRMTYIKELGKAIVKREGNSSQNWQRFYQLTKLLDSMHEMVGGLLQFCFYTFVNKSLSVEFPEMLAEIISNQLPKFKAGS
VKPLLFHQK
;
A
2 'polypeptide(L)' SLLKKLLLAP B
#
# COMPACT_ATOMS: atom_id res chain seq x y z
N ALA A 1 -13.10 -27.62 -0.53
CA ALA A 1 -13.70 -26.33 -0.21
C ALA A 1 -12.65 -25.23 -0.23
N PRO A 2 -12.80 -24.27 -1.13
CA PRO A 2 -11.80 -23.19 -1.24
C PRO A 2 -11.75 -22.37 0.03
N THR A 3 -10.55 -21.93 0.39
CA THR A 3 -10.34 -21.08 1.55
C THR A 3 -10.16 -19.65 1.11
N LEU A 4 -10.44 -18.73 2.04
CA LEU A 4 -10.26 -17.31 1.74
C LEU A 4 -8.81 -17.01 1.37
N ILE A 5 -7.86 -17.65 2.05
CA ILE A 5 -6.46 -17.40 1.75
C ILE A 5 -6.10 -17.90 0.36
N SER A 6 -6.65 -19.05 -0.06
CA SER A 6 -6.37 -19.54 -1.40
C SER A 6 -6.87 -18.56 -2.45
N LEU A 7 -7.97 -17.86 -2.17
CA LEU A 7 -8.47 -16.86 -3.11
C LEU A 7 -7.59 -15.62 -3.13
N LEU A 8 -7.06 -15.20 -1.97
CA LEU A 8 -6.13 -14.05 -1.96
C LEU A 8 -4.91 -14.33 -2.83
N GLU A 9 -4.42 -15.56 -2.81
CA GLU A 9 -3.30 -15.93 -3.65
C GLU A 9 -3.65 -15.79 -5.14
N VAL A 10 -4.85 -16.23 -5.54
CA VAL A 10 -5.13 -16.25 -6.97
C VAL A 10 -5.51 -14.88 -7.51
N ILE A 11 -6.04 -13.97 -6.67
CA ILE A 11 -6.39 -12.64 -7.18
C ILE A 11 -5.24 -11.64 -7.11
N GLU A 12 -4.11 -12.02 -6.54
CA GLU A 12 -3.01 -11.08 -6.43
C GLU A 12 -2.48 -10.73 -7.82
N PRO A 13 -2.38 -9.45 -8.15
CA PRO A 13 -1.96 -9.07 -9.51
C PRO A 13 -0.50 -9.42 -9.78
N GLU A 14 -0.19 -9.66 -11.05
CA GLU A 14 1.19 -9.83 -11.41
C GLU A 14 1.91 -8.48 -11.35
N VAL A 15 3.23 -8.54 -11.16
CA VAL A 15 4.04 -7.34 -11.02
C VAL A 15 4.14 -6.61 -12.36
N LEU A 16 4.10 -5.27 -12.29
CA LEU A 16 4.18 -4.42 -13.46
C LEU A 16 5.62 -4.02 -13.77
N TYR A 17 5.90 -3.85 -15.06
CA TYR A 17 7.16 -3.28 -15.51
C TYR A 17 7.06 -1.76 -15.59
N SER A 18 8.20 -1.11 -15.42
CA SER A 18 8.27 0.34 -15.51
C SER A 18 8.29 0.82 -16.96
N GLY A 19 9.22 0.29 -17.77
CA GLY A 19 9.53 0.89 -19.05
C GLY A 19 10.45 2.09 -18.97
N TYR A 20 11.07 2.32 -17.81
CA TYR A 20 12.00 3.42 -17.62
C TYR A 20 13.08 3.42 -18.71
N ASP A 21 13.60 4.60 -19.01
CA ASP A 21 14.48 4.82 -20.15
C ASP A 21 15.92 5.00 -19.65
N SER A 22 16.76 3.97 -19.87
CA SER A 22 18.16 4.05 -19.50
C SER A 22 18.85 5.26 -20.10
N THR A 23 18.44 5.68 -21.29
CA THR A 23 19.31 6.51 -22.12
C THR A 23 19.53 7.90 -21.50
N LEU A 24 18.47 8.51 -20.98
CA LEU A 24 18.63 9.80 -20.33
C LEU A 24 19.42 9.63 -19.04
N PRO A 25 20.47 10.41 -18.83
CA PRO A 25 21.10 10.45 -17.50
C PRO A 25 20.04 10.69 -16.44
N ASP A 26 20.22 10.05 -15.28
CA ASP A 26 19.22 10.15 -14.23
C ASP A 26 19.19 11.56 -13.64
N THR A 27 17.99 12.07 -13.41
CA THR A 27 17.77 13.26 -12.62
C THR A 27 16.62 12.97 -11.65
N SER A 28 16.66 13.60 -10.48
N SER A 28 16.67 13.60 -10.48
CA SER A 28 15.64 13.34 -9.47
CA SER A 28 15.64 13.37 -9.47
C SER A 28 14.23 13.57 -10.03
C SER A 28 14.24 13.57 -10.04
N THR A 29 14.06 14.64 -10.82
CA THR A 29 12.74 14.93 -11.37
C THR A 29 12.28 13.84 -12.33
N ARG A 30 13.16 13.41 -13.22
N ARG A 30 13.16 13.40 -13.22
CA ARG A 30 12.82 12.34 -14.15
CA ARG A 30 12.80 12.34 -14.15
C ARG A 30 12.50 11.05 -13.41
C ARG A 30 12.49 11.04 -13.41
N LEU A 31 13.30 10.71 -12.40
CA LEU A 31 13.07 9.48 -11.66
C LEU A 31 11.74 9.51 -10.92
N MET A 32 11.45 10.62 -10.21
CA MET A 32 10.20 10.67 -9.48
C MET A 32 9.00 10.63 -10.42
N SER A 33 9.10 11.30 -11.58
CA SER A 33 8.00 11.26 -12.53
C SER A 33 7.79 9.86 -13.07
N THR A 34 8.90 9.15 -13.34
CA THR A 34 8.80 7.75 -13.75
C THR A 34 8.16 6.89 -12.67
N LEU A 35 8.55 7.10 -11.41
CA LEU A 35 7.97 6.32 -10.32
C LEU A 35 6.48 6.63 -10.17
N ASN A 36 6.08 7.89 -10.37
CA ASN A 36 4.66 8.19 -10.27
C ASN A 36 3.87 7.56 -11.40
N ARG A 37 4.44 7.47 -12.59
CA ARG A 37 3.75 6.81 -13.70
C ARG A 37 3.54 5.34 -13.38
N LEU A 38 4.58 4.69 -12.84
CA LEU A 38 4.44 3.31 -12.37
C LEU A 38 3.41 3.22 -11.25
N GLY A 39 3.48 4.14 -10.28
CA GLY A 39 2.53 4.10 -9.18
C GLY A 39 1.08 4.20 -9.65
N GLY A 40 0.82 5.07 -10.62
CA GLY A 40 -0.55 5.18 -11.14
C GLY A 40 -1.04 3.88 -11.74
N ARG A 41 -0.17 3.18 -12.47
CA ARG A 41 -0.57 1.89 -13.03
C ARG A 41 -0.71 0.83 -11.95
N GLN A 42 0.11 0.89 -10.90
CA GLN A 42 -0.04 -0.04 -9.79
C GLN A 42 -1.33 0.23 -9.02
N VAL A 43 -1.75 1.50 -8.93
CA VAL A 43 -3.01 1.82 -8.27
C VAL A 43 -4.17 1.30 -9.08
N VAL A 44 -4.11 1.42 -10.41
CA VAL A 44 -5.16 0.81 -11.24
C VAL A 44 -5.24 -0.68 -10.96
N SER A 45 -4.07 -1.35 -10.88
N SER A 45 -4.08 -1.35 -10.87
CA SER A 45 -4.04 -2.77 -10.55
CA SER A 45 -4.07 -2.78 -10.55
C SER A 45 -4.66 -3.05 -9.19
C SER A 45 -4.69 -3.04 -9.19
N ALA A 46 -4.42 -2.16 -8.22
CA ALA A 46 -4.94 -2.37 -6.88
C ALA A 46 -6.45 -2.18 -6.82
N VAL A 47 -7.01 -1.29 -7.65
CA VAL A 47 -8.46 -1.14 -7.70
C VAL A 47 -9.10 -2.40 -8.25
N LYS A 48 -8.51 -2.97 -9.32
CA LYS A 48 -9.03 -4.23 -9.86
C LYS A 48 -8.94 -5.34 -8.82
N TRP A 49 -7.86 -5.34 -8.03
CA TRP A 49 -7.71 -6.32 -6.98
C TRP A 49 -8.80 -6.16 -5.92
N ALA A 50 -9.06 -4.91 -5.52
CA ALA A 50 -10.07 -4.67 -4.50
C ALA A 50 -11.45 -5.10 -4.99
N LYS A 51 -11.76 -4.90 -6.28
CA LYS A 51 -13.05 -5.34 -6.79
C LYS A 51 -13.20 -6.85 -6.69
N ALA A 52 -12.10 -7.58 -6.81
CA ALA A 52 -12.08 -9.04 -6.74
C ALA A 52 -11.94 -9.58 -5.32
N LEU A 53 -11.61 -8.73 -4.36
CA LEU A 53 -11.38 -9.13 -2.97
C LEU A 53 -12.70 -9.55 -2.33
N PRO A 54 -12.85 -10.79 -1.88
CA PRO A 54 -14.17 -11.21 -1.37
C PRO A 54 -14.65 -10.31 -0.24
N GLY A 55 -15.87 -9.77 -0.41
CA GLY A 55 -16.49 -8.90 0.58
C GLY A 55 -16.40 -7.41 0.27
N PHE A 56 -15.35 -6.99 -0.44
CA PHE A 56 -15.18 -5.57 -0.67
C PHE A 56 -16.38 -4.94 -1.38
N ARG A 57 -16.91 -5.64 -2.39
N ARG A 57 -16.90 -5.61 -2.40
CA ARG A 57 -18.06 -5.13 -3.13
CA ARG A 57 -18.03 -5.00 -3.11
C ARG A 57 -19.29 -4.94 -2.25
C ARG A 57 -19.34 -5.07 -2.31
N ASN A 58 -19.31 -5.55 -1.06
CA ASN A 58 -20.46 -5.39 -0.17
C ASN A 58 -20.57 -3.95 0.32
N LEU A 59 -19.45 -3.22 0.31
CA LEU A 59 -19.43 -1.85 0.80
C LEU A 59 -20.17 -0.91 -0.14
N HIS A 60 -20.76 0.13 0.44
CA HIS A 60 -21.27 1.23 -0.35
C HIS A 60 -20.19 1.74 -1.29
N LEU A 61 -20.58 2.12 -2.51
CA LEU A 61 -19.59 2.58 -3.49
C LEU A 61 -18.75 3.73 -2.93
N ASP A 62 -19.38 4.63 -2.16
CA ASP A 62 -18.64 5.76 -1.61
C ASP A 62 -17.59 5.31 -0.60
N ASP A 63 -17.88 4.25 0.17
CA ASP A 63 -16.87 3.71 1.07
C ASP A 63 -15.75 3.00 0.30
N GLN A 64 -16.10 2.31 -0.79
CA GLN A 64 -15.04 1.71 -1.61
C GLN A 64 -14.06 2.78 -2.08
N MET A 65 -14.59 3.93 -2.50
N MET A 65 -14.61 3.92 -2.55
CA MET A 65 -13.72 5.01 -2.96
CA MET A 65 -13.79 5.05 -2.95
C MET A 65 -12.92 5.60 -1.81
C MET A 65 -12.92 5.54 -1.80
N THR A 66 -13.56 5.83 -0.66
CA THR A 66 -12.85 6.35 0.50
C THR A 66 -11.67 5.45 0.89
N LEU A 67 -11.91 4.15 1.00
CA LEU A 67 -10.86 3.26 1.49
C LEU A 67 -9.69 3.20 0.52
N LEU A 68 -9.95 3.16 -0.79
CA LEU A 68 -8.85 3.13 -1.75
C LEU A 68 -8.10 4.45 -1.75
N GLN A 69 -8.80 5.58 -1.68
CA GLN A 69 -8.14 6.89 -1.69
C GLN A 69 -7.33 7.10 -0.43
N TYR A 70 -7.78 6.58 0.71
CA TYR A 70 -7.05 6.80 1.96
C TYR A 70 -5.84 5.89 2.11
N SER A 71 -5.89 4.66 1.57
CA SER A 71 -4.89 3.66 1.88
C SER A 71 -3.89 3.39 0.75
N TRP A 72 -4.03 4.06 -0.40
CA TRP A 72 -3.27 3.63 -1.58
C TRP A 72 -1.77 3.64 -1.31
N MET A 73 -1.27 4.63 -0.57
CA MET A 73 0.18 4.69 -0.38
C MET A 73 0.66 3.57 0.55
N SER A 74 -0.15 3.21 1.54
CA SER A 74 0.20 2.08 2.40
C SER A 74 0.25 0.80 1.58
N LEU A 75 -0.74 0.59 0.71
CA LEU A 75 -0.74 -0.59 -0.15
C LEU A 75 0.52 -0.62 -1.03
N MET A 76 0.85 0.51 -1.66
CA MET A 76 1.97 0.53 -2.61
C MET A 76 3.30 0.33 -1.89
N ALA A 77 3.45 0.94 -0.72
CA ALA A 77 4.73 0.83 0.00
C ALA A 77 4.88 -0.56 0.62
N PHE A 78 3.78 -1.15 1.08
CA PHE A 78 3.83 -2.52 1.62
C PHE A 78 4.23 -3.51 0.54
N SER A 79 3.61 -3.37 -0.65
N SER A 79 3.63 -3.37 -0.65
CA SER A 79 3.93 -4.24 -1.77
CA SER A 79 3.96 -4.28 -1.74
C SER A 79 5.37 -4.06 -2.23
C SER A 79 5.39 -4.06 -2.24
N LEU A 80 5.83 -2.80 -2.28
CA LEU A 80 7.24 -2.55 -2.61
C LEU A 80 8.15 -3.22 -1.59
N GLY A 81 7.77 -3.16 -0.31
CA GLY A 81 8.56 -3.81 0.73
C GLY A 81 8.63 -5.31 0.51
N TRP A 82 7.51 -5.93 0.13
CA TRP A 82 7.49 -7.36 -0.15
C TRP A 82 8.37 -7.71 -1.34
N ARG A 83 8.22 -6.98 -2.46
CA ARG A 83 9.04 -7.30 -3.63
C ARG A 83 10.52 -7.12 -3.31
N SER A 84 10.85 -6.07 -2.54
CA SER A 84 12.26 -5.85 -2.21
C SER A 84 12.79 -6.93 -1.27
N TYR A 85 11.92 -7.46 -0.41
CA TYR A 85 12.27 -8.58 0.47
C TYR A 85 12.52 -9.86 -0.34
N LYS A 86 11.57 -10.21 -1.22
CA LYS A 86 11.72 -11.47 -1.96
C LYS A 86 12.82 -11.40 -3.00
N GLN A 87 12.99 -10.25 -3.67
CA GLN A 87 13.95 -10.17 -4.76
C GLN A 87 15.34 -9.76 -4.31
N SER A 88 15.48 -9.14 -3.14
CA SER A 88 16.81 -8.71 -2.74
C SER A 88 17.08 -8.87 -1.26
N ASN A 89 16.19 -9.51 -0.50
CA ASN A 89 16.32 -9.61 0.97
C ASN A 89 16.47 -8.22 1.61
N GLY A 90 15.78 -7.24 1.04
CA GLY A 90 15.71 -5.91 1.60
C GLY A 90 16.93 -5.04 1.34
N ASN A 91 17.82 -5.46 0.45
CA ASN A 91 19.03 -4.67 0.20
C ASN A 91 18.83 -3.60 -0.87
N MET A 92 17.83 -3.76 -1.74
CA MET A 92 17.61 -2.83 -2.85
C MET A 92 16.12 -2.58 -2.96
N LEU A 93 15.75 -1.42 -3.49
CA LEU A 93 14.34 -1.10 -3.69
C LEU A 93 13.93 -1.61 -5.07
N CYS A 94 13.05 -2.61 -5.09
CA CYS A 94 12.76 -3.35 -6.30
C CYS A 94 11.41 -2.85 -6.80
N PHE A 95 11.41 -1.63 -7.37
CA PHE A 95 10.16 -1.02 -7.79
C PHE A 95 9.47 -1.85 -8.87
N ALA A 96 10.24 -2.34 -9.83
CA ALA A 96 9.77 -3.15 -10.94
C ALA A 96 10.91 -4.03 -11.40
N PRO A 97 10.62 -5.11 -12.13
CA PRO A 97 11.72 -5.96 -12.63
C PRO A 97 12.72 -5.19 -13.47
N ASP A 98 12.30 -4.09 -14.09
CA ASP A 98 13.18 -3.27 -14.91
C ASP A 98 13.49 -1.93 -14.24
N LEU A 99 13.25 -1.81 -12.93
CA LEU A 99 13.58 -0.56 -12.21
C LEU A 99 13.95 -0.89 -10.77
N VAL A 100 15.25 -1.07 -10.55
CA VAL A 100 15.82 -1.35 -9.23
C VAL A 100 16.66 -0.14 -8.82
N ILE A 101 16.43 0.34 -7.60
CA ILE A 101 17.21 1.44 -7.03
C ILE A 101 18.16 0.84 -6.00
N ASN A 102 19.45 1.03 -6.22
CA ASN A 102 20.47 0.67 -5.25
C ASN A 102 21.14 1.93 -4.71
N GLU A 103 21.89 1.76 -3.62
CA GLU A 103 22.38 2.88 -2.83
C GLU A 103 23.06 3.96 -3.66
N GLU A 104 23.46 3.67 -4.90
CA GLU A 104 24.16 4.66 -5.69
C GLU A 104 23.23 5.55 -6.51
N ARG A 105 21.99 5.13 -6.76
CA ARG A 105 21.02 6.05 -7.32
C ARG A 105 20.21 6.77 -6.24
N MET A 106 20.29 6.30 -5.00
CA MET A 106 19.67 7.01 -3.88
C MET A 106 20.30 8.37 -3.63
N GLN A 107 21.41 8.69 -4.28
CA GLN A 107 22.16 9.91 -4.01
C GLN A 107 21.65 11.12 -4.78
N LEU A 108 20.68 10.95 -5.68
CA LEU A 108 20.12 12.10 -6.36
C LEU A 108 19.33 12.95 -5.37
N PRO A 109 19.14 14.23 -5.67
CA PRO A 109 18.40 15.11 -4.75
C PRO A 109 17.04 14.52 -4.37
N TYR A 110 16.74 14.57 -3.07
CA TYR A 110 15.46 14.13 -2.50
C TYR A 110 15.28 12.62 -2.47
N MET A 111 16.21 11.86 -3.05
CA MET A 111 15.98 10.42 -3.15
C MET A 111 16.41 9.68 -1.88
N TYR A 112 17.48 10.13 -1.21
CA TYR A 112 18.06 9.31 -0.15
C TYR A 112 17.07 9.09 0.99
N ASP A 113 16.48 10.16 1.52
CA ASP A 113 15.66 10.01 2.72
C ASP A 113 14.42 9.14 2.46
N GLN A 114 13.70 9.43 1.38
CA GLN A 114 12.51 8.63 1.09
C GLN A 114 12.88 7.17 0.80
N CYS A 115 14.04 6.92 0.19
CA CYS A 115 14.44 5.55 -0.08
C CYS A 115 14.79 4.81 1.20
N GLN A 116 15.40 5.50 2.16
CA GLN A 116 15.65 4.90 3.46
C GLN A 116 14.35 4.54 4.16
N GLN A 117 13.33 5.39 4.02
CA GLN A 117 12.03 5.09 4.61
C GLN A 117 11.40 3.86 3.96
N MET A 118 11.52 3.74 2.63
CA MET A 118 10.98 2.56 1.96
C MET A 118 11.76 1.30 2.35
N LEU A 119 13.08 1.40 2.48
CA LEU A 119 13.87 0.25 2.89
C LEU A 119 13.53 -0.20 4.31
N LYS A 120 13.14 0.71 5.20
CA LYS A 120 12.79 0.28 6.55
C LYS A 120 11.58 -0.63 6.52
N ILE A 121 10.64 -0.38 5.61
CA ILE A 121 9.49 -1.24 5.51
C ILE A 121 9.92 -2.64 5.07
N SER A 122 10.78 -2.71 4.06
N SER A 122 10.71 -2.72 4.00
CA SER A 122 11.32 -4.00 3.65
CA SER A 122 11.16 -4.02 3.54
C SER A 122 12.13 -4.66 4.77
C SER A 122 11.95 -4.75 4.64
N SER A 123 12.82 -3.87 5.58
N SER A 123 12.70 -3.99 5.45
CA SER A 123 13.61 -4.45 6.67
CA SER A 123 13.52 -4.60 6.50
C SER A 123 12.73 -5.15 7.71
C SER A 123 12.66 -5.30 7.55
N GLU A 124 11.45 -4.78 7.81
CA GLU A 124 10.56 -5.45 8.74
C GLU A 124 10.13 -6.82 8.24
N PHE A 125 9.94 -6.97 6.93
CA PHE A 125 9.68 -8.30 6.37
C PHE A 125 10.86 -9.24 6.64
N VAL A 126 12.09 -8.74 6.53
CA VAL A 126 13.28 -9.55 6.82
C VAL A 126 13.31 -9.92 8.30
N ARG A 127 13.09 -8.94 9.17
CA ARG A 127 13.20 -9.18 10.60
C ARG A 127 12.20 -10.24 11.05
N LEU A 128 10.99 -10.19 10.52
CA LEU A 128 9.91 -11.08 10.94
C LEU A 128 9.80 -12.33 10.10
N GLN A 129 10.54 -12.42 8.98
CA GLN A 129 10.44 -13.55 8.07
C GLN A 129 8.98 -13.84 7.71
N VAL A 130 8.33 -12.80 7.19
CA VAL A 130 6.90 -12.84 6.89
C VAL A 130 6.64 -13.83 5.77
N SER A 131 5.62 -14.68 5.94
CA SER A 131 5.23 -15.61 4.90
C SER A 131 4.32 -14.92 3.86
N TYR A 132 4.25 -15.52 2.67
CA TYR A 132 3.42 -14.95 1.62
C TYR A 132 1.98 -14.79 2.10
N ASP A 133 1.42 -15.82 2.74
CA ASP A 133 0.02 -15.72 3.15
C ASP A 133 -0.16 -14.69 4.26
N GLU A 134 0.81 -14.57 5.18
CA GLU A 134 0.70 -13.50 6.18
C GLU A 134 0.71 -12.13 5.49
N TYR A 135 1.60 -11.95 4.52
CA TYR A 135 1.67 -10.71 3.77
C TYR A 135 0.33 -10.39 3.10
N LEU A 136 -0.26 -11.38 2.41
CA LEU A 136 -1.52 -11.15 1.71
C LEU A 136 -2.64 -10.74 2.66
N CYS A 137 -2.78 -11.40 3.82
CA CYS A 137 -3.79 -10.97 4.80
C CYS A 137 -3.49 -9.61 5.37
N MET A 138 -2.22 -9.32 5.68
CA MET A 138 -1.89 -8.00 6.19
C MET A 138 -2.19 -6.91 5.16
N LYS A 139 -1.97 -7.20 3.87
CA LYS A 139 -2.23 -6.20 2.83
C LYS A 139 -3.73 -5.87 2.75
N VAL A 140 -4.60 -6.87 2.91
CA VAL A 140 -6.03 -6.57 2.99
C VAL A 140 -6.32 -5.68 4.19
N LEU A 141 -5.71 -5.98 5.32
CA LEU A 141 -6.01 -5.19 6.49
C LEU A 141 -5.53 -3.75 6.31
N LEU A 142 -4.47 -3.50 5.54
CA LEU A 142 -4.08 -2.13 5.25
C LEU A 142 -5.16 -1.37 4.46
N LEU A 143 -5.76 -2.03 3.46
CA LEU A 143 -6.89 -1.42 2.73
C LEU A 143 -8.00 -1.00 3.68
N LEU A 144 -8.15 -1.73 4.79
CA LEU A 144 -9.22 -1.53 5.76
C LEU A 144 -8.76 -0.82 7.04
N SER A 145 -7.65 -0.08 7.01
N SER A 145 -7.64 -0.08 6.97
CA SER A 145 -7.13 0.43 8.28
CA SER A 145 -6.97 0.44 8.15
C SER A 145 -7.02 1.95 8.35
C SER A 145 -7.19 1.93 8.41
N THR A 146 -7.57 2.70 7.40
CA THR A 146 -7.62 4.17 7.48
C THR A 146 -9.02 4.64 7.10
N VAL A 147 -9.70 5.33 8.01
CA VAL A 147 -11.12 5.66 7.81
C VAL A 147 -11.39 7.10 8.25
N PRO A 148 -12.51 7.67 7.79
CA PRO A 148 -12.88 9.00 8.28
C PRO A 148 -13.18 8.95 9.76
N LYS A 149 -12.82 10.02 10.46
CA LYS A 149 -13.16 10.10 11.88
C LYS A 149 -14.67 10.04 12.11
N ASP A 150 -15.47 10.50 11.15
CA ASP A 150 -16.91 10.54 11.31
C ASP A 150 -17.62 9.30 10.75
N GLY A 151 -16.88 8.29 10.35
CA GLY A 151 -17.44 6.99 10.02
C GLY A 151 -17.64 6.78 8.53
N LEU A 152 -18.02 5.55 8.19
N LEU A 152 -18.00 5.55 8.19
CA LEU A 152 -18.32 5.14 6.83
CA LEU A 152 -18.32 5.12 6.83
C LEU A 152 -19.84 5.05 6.64
C LEU A 152 -19.83 5.05 6.64
N LYS A 153 -20.25 5.07 5.38
CA LYS A 153 -21.68 4.98 5.06
C LYS A 153 -22.24 3.60 5.38
N SER A 154 -21.47 2.54 5.11
CA SER A 154 -21.87 1.17 5.40
C SER A 154 -20.99 0.61 6.52
N GLN A 155 -21.11 1.20 7.71
CA GLN A 155 -20.19 0.88 8.80
C GLN A 155 -20.31 -0.59 9.22
N ALA A 156 -21.53 -1.11 9.32
CA ALA A 156 -21.69 -2.48 9.80
C ALA A 156 -21.08 -3.46 8.82
N VAL A 157 -21.24 -3.22 7.52
CA VAL A 157 -20.63 -4.09 6.51
C VAL A 157 -19.11 -4.04 6.65
N PHE A 158 -18.56 -2.83 6.79
CA PHE A 158 -17.12 -2.66 6.95
C PHE A 158 -16.61 -3.43 8.17
N ASP A 159 -17.29 -3.27 9.31
CA ASP A 159 -16.87 -3.96 10.53
C ASP A 159 -16.82 -5.47 10.31
N GLU A 160 -17.81 -6.01 9.59
CA GLU A 160 -17.83 -7.44 9.31
C GLU A 160 -16.64 -7.86 8.46
N ILE A 161 -16.35 -7.10 7.38
CA ILE A 161 -15.24 -7.44 6.48
C ILE A 161 -13.93 -7.38 7.23
N ARG A 162 -13.73 -6.35 8.05
CA ARG A 162 -12.47 -6.20 8.76
C ARG A 162 -12.26 -7.35 9.74
N MET A 163 -13.30 -7.71 10.51
CA MET A 163 -13.16 -8.84 11.45
C MET A 163 -12.87 -10.13 10.69
N THR A 164 -13.49 -10.30 9.53
CA THR A 164 -13.24 -11.50 8.74
C THR A 164 -11.76 -11.63 8.38
N TYR A 165 -11.14 -10.54 7.95
CA TYR A 165 -9.75 -10.65 7.54
C TYR A 165 -8.78 -10.60 8.72
N ILE A 166 -9.19 -10.07 9.87
CA ILE A 166 -8.39 -10.27 11.09
C ILE A 166 -8.32 -11.75 11.42
N LYS A 167 -9.45 -12.45 11.34
CA LYS A 167 -9.41 -13.88 11.59
C LYS A 167 -8.61 -14.62 10.51
N GLU A 168 -8.63 -14.13 9.26
CA GLU A 168 -7.84 -14.77 8.21
C GLU A 168 -6.34 -14.63 8.49
N LEU A 169 -5.91 -13.47 9.00
CA LEU A 169 -4.52 -13.34 9.43
C LEU A 169 -4.16 -14.39 10.46
N GLY A 170 -5.04 -14.63 11.44
CA GLY A 170 -4.79 -15.69 12.40
C GLY A 170 -4.65 -17.05 11.73
N LYS A 171 -5.46 -17.31 10.71
CA LYS A 171 -5.36 -18.59 10.00
C LYS A 171 -4.04 -18.69 9.25
N ALA A 172 -3.57 -17.58 8.68
CA ALA A 172 -2.29 -17.59 7.98
C ALA A 172 -1.15 -17.86 8.94
N ILE A 173 -1.25 -17.35 10.17
CA ILE A 173 -0.22 -17.60 11.18
C ILE A 173 -0.18 -19.09 11.54
N VAL A 174 -1.36 -19.68 11.75
CA VAL A 174 -1.38 -21.10 12.10
C VAL A 174 -0.84 -21.95 10.97
N LYS A 175 -1.08 -21.56 9.72
CA LYS A 175 -0.55 -22.34 8.60
C LYS A 175 0.97 -22.23 8.52
N ARG A 176 1.52 -21.05 8.84
CA ARG A 176 2.97 -20.88 8.82
C ARG A 176 3.64 -21.77 9.86
N GLU A 177 3.03 -21.90 11.04
CA GLU A 177 3.65 -22.60 12.15
C GLU A 177 3.45 -24.10 12.04
N GLY A 178 4.42 -24.86 12.57
CA GLY A 178 4.28 -26.29 12.68
C GLY A 178 3.27 -26.70 13.73
N ASN A 179 3.19 -25.96 14.83
CA ASN A 179 2.07 -26.11 15.75
C ASN A 179 1.70 -24.75 16.32
N SER A 180 1.49 -24.64 17.63
CA SER A 180 0.90 -23.42 18.18
C SER A 180 1.71 -22.84 19.33
N SER A 181 3.00 -23.15 19.41
CA SER A 181 3.82 -22.68 20.53
C SER A 181 3.87 -21.15 20.62
N GLN A 182 3.68 -20.45 19.50
CA GLN A 182 3.87 -19.00 19.49
C GLN A 182 2.86 -18.29 18.59
N ASN A 183 1.66 -18.86 18.42
CA ASN A 183 0.67 -18.24 17.55
C ASN A 183 0.23 -16.87 18.06
N TRP A 184 0.03 -16.71 19.37
CA TRP A 184 -0.35 -15.40 19.87
C TRP A 184 0.81 -14.42 19.72
N GLN A 185 2.03 -14.85 20.07
CA GLN A 185 3.17 -13.97 19.94
C GLN A 185 3.33 -13.49 18.50
N ARG A 186 3.09 -14.38 17.54
CA ARG A 186 3.18 -14.00 16.12
C ARG A 186 2.10 -12.98 15.77
N PHE A 187 0.87 -13.24 16.19
CA PHE A 187 -0.21 -12.31 15.91
C PHE A 187 0.09 -10.94 16.50
N TYR A 188 0.63 -10.92 17.72
CA TYR A 188 1.04 -9.67 18.35
C TYR A 188 2.07 -8.94 17.50
N GLN A 189 3.07 -9.68 17.01
CA GLN A 189 4.13 -9.03 16.23
C GLN A 189 3.60 -8.49 14.92
N LEU A 190 2.72 -9.22 14.25
CA LEU A 190 2.24 -8.76 12.95
C LEU A 190 1.23 -7.62 13.10
N THR A 191 0.43 -7.60 14.15
CA THR A 191 -0.45 -6.45 14.34
C THR A 191 0.32 -5.23 14.82
N LYS A 192 1.42 -5.43 15.55
CA LYS A 192 2.32 -4.31 15.82
C LYS A 192 2.92 -3.76 14.54
N LEU A 193 3.25 -4.64 13.58
CA LEU A 193 3.75 -4.17 12.30
C LEU A 193 2.68 -3.37 11.55
N LEU A 194 1.45 -3.89 11.51
CA LEU A 194 0.37 -3.15 10.87
C LEU A 194 0.20 -1.77 11.50
N ASP A 195 0.21 -1.69 12.84
CA ASP A 195 0.08 -0.40 13.49
C ASP A 195 1.21 0.54 13.10
N SER A 196 2.43 -0.01 12.98
CA SER A 196 3.58 0.83 12.68
C SER A 196 3.57 1.33 11.24
N MET A 197 2.79 0.70 10.35
CA MET A 197 2.80 1.12 8.94
C MET A 197 2.29 2.54 8.78
N HIS A 198 1.36 2.98 9.64
CA HIS A 198 0.85 4.35 9.54
C HIS A 198 1.99 5.35 9.66
N GLU A 199 2.85 5.21 10.67
CA GLU A 199 3.98 6.13 10.79
C GLU A 199 5.04 5.85 9.72
N MET A 200 5.26 4.59 9.35
CA MET A 200 6.35 4.30 8.43
C MET A 200 6.08 4.85 7.04
N VAL A 201 4.81 5.00 6.65
CA VAL A 201 4.50 5.58 5.35
C VAL A 201 4.13 7.05 5.43
N GLY A 202 4.00 7.60 6.63
CA GLY A 202 3.57 8.99 6.76
C GLY A 202 4.52 9.97 6.08
N GLY A 203 5.83 9.72 6.20
CA GLY A 203 6.81 10.57 5.54
C GLY A 203 6.73 10.47 4.03
N LEU A 204 6.46 9.27 3.52
CA LEU A 204 6.29 9.11 2.08
C LEU A 204 5.09 9.90 1.59
N LEU A 205 3.98 9.84 2.33
CA LEU A 205 2.78 10.55 1.93
C LEU A 205 2.99 12.05 2.00
N GLN A 206 3.62 12.54 3.06
CA GLN A 206 3.87 13.98 3.13
C GLN A 206 4.76 14.45 1.99
N PHE A 207 5.75 13.65 1.59
CA PHE A 207 6.60 14.07 0.48
C PHE A 207 5.83 14.05 -0.84
N CYS A 208 5.00 13.02 -1.01
CA CYS A 208 4.10 12.96 -2.15
C CYS A 208 3.21 14.20 -2.22
N PHE A 209 2.63 14.57 -1.07
CA PHE A 209 1.78 15.76 -1.01
C PHE A 209 2.54 17.02 -1.41
N TYR A 210 3.78 17.16 -0.93
CA TYR A 210 4.59 18.33 -1.27
C TYR A 210 4.90 18.37 -2.77
N THR A 211 5.34 17.24 -3.33
CA THR A 211 5.68 17.25 -4.75
C THR A 211 4.44 17.43 -5.62
N PHE A 212 3.27 17.05 -5.10
CA PHE A 212 2.04 17.24 -5.84
C PHE A 212 1.64 18.72 -5.86
N VAL A 213 1.73 19.40 -4.73
N VAL A 213 1.72 19.41 -4.73
CA VAL A 213 1.24 20.77 -4.63
CA VAL A 213 1.23 20.79 -4.70
C VAL A 213 2.27 21.80 -5.09
C VAL A 213 2.28 21.75 -5.23
N ASN A 214 3.56 21.51 -4.93
CA ASN A 214 4.61 22.44 -5.32
C ASN A 214 4.92 22.22 -6.80
N LYS A 215 4.22 22.98 -7.64
CA LYS A 215 4.45 22.89 -9.07
C LYS A 215 5.88 23.25 -9.44
N SER A 216 6.57 24.00 -8.59
CA SER A 216 7.94 24.43 -8.86
C SER A 216 8.88 23.27 -9.17
N LEU A 217 8.66 22.11 -8.56
CA LEU A 217 9.61 21.01 -8.68
C LEU A 217 9.44 20.21 -9.97
N SER A 218 8.37 20.43 -10.72
CA SER A 218 8.18 19.86 -12.05
C SER A 218 8.02 18.34 -12.03
N VAL A 219 7.63 17.76 -10.90
CA VAL A 219 7.34 16.34 -10.83
C VAL A 219 5.97 16.08 -11.42
N GLU A 220 5.88 15.13 -12.35
CA GLU A 220 4.62 14.80 -13.01
C GLU A 220 3.91 13.64 -12.31
N PHE A 221 2.58 13.70 -12.32
CA PHE A 221 1.69 12.67 -11.79
C PHE A 221 0.70 12.27 -12.87
N PRO A 222 0.35 10.98 -12.97
CA PRO A 222 -0.68 10.57 -13.91
C PRO A 222 -2.07 10.93 -13.40
N GLU A 223 -3.03 10.91 -14.33
CA GLU A 223 -4.35 11.47 -14.07
C GLU A 223 -5.04 10.81 -12.87
N MET A 224 -5.09 9.48 -12.88
N MET A 224 -5.07 9.48 -12.83
CA MET A 224 -5.73 8.74 -11.80
CA MET A 224 -5.82 8.87 -11.74
C MET A 224 -5.14 9.12 -10.45
C MET A 224 -5.15 9.09 -10.40
N LEU A 225 -3.81 9.08 -10.36
CA LEU A 225 -3.14 9.40 -9.11
C LEU A 225 -3.43 10.84 -8.69
N ALA A 226 -3.37 11.77 -9.63
CA ALA A 226 -3.64 13.17 -9.30
C ALA A 226 -5.05 13.33 -8.72
N GLU A 227 -6.05 12.68 -9.32
CA GLU A 227 -7.40 12.78 -8.78
C GLU A 227 -7.48 12.23 -7.36
N ILE A 228 -6.83 11.09 -7.11
CA ILE A 228 -6.87 10.48 -5.79
C ILE A 228 -6.21 11.40 -4.77
N ILE A 229 -5.02 11.91 -5.08
CA ILE A 229 -4.31 12.75 -4.11
C ILE A 229 -5.09 14.03 -3.85
N SER A 230 -5.71 14.60 -4.89
CA SER A 230 -6.44 15.86 -4.70
C SER A 230 -7.63 15.66 -3.76
N ASN A 231 -8.17 14.45 -3.68
CA ASN A 231 -9.24 14.17 -2.73
C ASN A 231 -8.70 13.81 -1.36
N GLN A 232 -7.64 13.01 -1.31
CA GLN A 232 -7.09 12.52 -0.06
C GLN A 232 -6.42 13.65 0.73
N LEU A 233 -5.69 14.50 0.02
CA LEU A 233 -4.82 15.47 0.68
C LEU A 233 -5.56 16.39 1.65
N PRO A 234 -6.65 17.07 1.27
CA PRO A 234 -7.33 17.95 2.22
C PRO A 234 -7.84 17.24 3.46
N LYS A 235 -8.31 16.01 3.30
CA LYS A 235 -8.83 15.24 4.43
C LYS A 235 -7.72 14.87 5.39
N PHE A 236 -6.56 14.49 4.86
CA PHE A 236 -5.44 14.13 5.73
C PHE A 236 -4.88 15.35 6.45
N LYS A 237 -4.69 16.45 5.73
CA LYS A 237 -4.08 17.63 6.35
C LYS A 237 -5.02 18.25 7.39
N ALA A 238 -6.32 18.10 7.22
CA ALA A 238 -7.30 18.64 8.17
C ALA A 238 -7.44 17.80 9.43
N GLY A 239 -6.85 16.61 9.47
CA GLY A 239 -6.99 15.74 10.62
C GLY A 239 -8.33 15.06 10.72
N SER A 240 -8.96 14.77 9.59
N SER A 240 -8.97 14.77 9.59
CA SER A 240 -10.30 14.18 9.56
CA SER A 240 -10.31 14.17 9.58
C SER A 240 -10.26 12.67 9.35
C SER A 240 -10.26 12.66 9.44
N VAL A 241 -9.07 12.08 9.40
CA VAL A 241 -8.85 10.67 9.12
C VAL A 241 -8.21 10.03 10.34
N LYS A 242 -8.48 8.75 10.55
CA LYS A 242 -7.84 8.09 11.66
C LYS A 242 -7.42 6.68 11.31
N PRO A 243 -6.31 6.21 11.86
CA PRO A 243 -5.92 4.82 11.69
C PRO A 243 -6.66 3.94 12.68
N LEU A 244 -6.98 2.72 12.24
CA LEU A 244 -7.57 1.70 13.10
C LEU A 244 -6.44 0.85 13.68
N LEU A 245 -6.08 1.12 14.92
CA LEU A 245 -4.93 0.49 15.55
C LEU A 245 -5.36 -0.71 16.37
N PHE A 246 -4.53 -1.75 16.36
CA PHE A 246 -4.75 -2.92 17.21
C PHE A 246 -4.31 -2.67 18.65
N HIS A 247 -3.25 -1.89 18.86
CA HIS A 247 -2.66 -1.72 20.18
C HIS A 247 -2.67 -0.26 20.62
N GLN A 248 -2.53 -0.04 21.92
CA GLN A 248 -2.57 1.33 22.43
C GLN A 248 -1.38 2.13 21.91
N LYS A 249 -1.65 3.37 21.49
CA LYS A 249 -0.65 4.26 20.91
C LYS A 249 0.61 4.35 21.75
N SER B 1 -15.30 10.84 -12.47
CA SER B 1 -14.13 10.45 -11.69
C SER B 1 -13.53 9.14 -12.22
N LEU B 2 -12.22 9.13 -12.48
CA LEU B 2 -11.58 7.96 -13.05
C LEU B 2 -11.66 6.77 -12.10
N LEU B 3 -11.43 7.00 -10.80
CA LEU B 3 -11.57 5.92 -9.83
C LEU B 3 -12.99 5.36 -9.82
N LYS B 4 -14.00 6.24 -9.80
CA LYS B 4 -15.38 5.77 -9.81
C LYS B 4 -15.69 4.98 -11.08
N LYS B 5 -15.26 5.47 -12.24
CA LYS B 5 -15.45 4.74 -13.49
C LYS B 5 -14.87 3.33 -13.40
N LEU B 6 -13.64 3.22 -12.89
CA LEU B 6 -13.00 1.92 -12.79
C LEU B 6 -13.75 1.00 -11.84
N LEU B 7 -14.22 1.52 -10.71
CA LEU B 7 -14.92 0.68 -9.75
C LEU B 7 -16.22 0.14 -10.34
N LEU B 8 -16.85 0.91 -11.23
CA LEU B 8 -18.12 0.51 -11.83
C LEU B 8 -17.94 -0.35 -13.08
N ALA B 9 -16.73 -0.44 -13.62
CA ALA B 9 -16.53 -1.12 -14.89
C ALA B 9 -16.37 -2.63 -14.70
N PRO B 10 -16.73 -3.42 -15.72
CA PRO B 10 -16.55 -4.89 -15.72
C PRO B 10 -15.09 -5.30 -15.91
#